data_2A7L
#
_entry.id   2A7L
#
_cell.length_a   38.595
_cell.length_b   60.655
_cell.length_c   133.520
_cell.angle_alpha   90.00
_cell.angle_beta   90.00
_cell.angle_gamma   90.00
#
_symmetry.space_group_name_H-M   'P 21 21 2'
#
loop_
_entity.id
_entity.type
_entity.pdbx_description
1 polymer 'Hypothetical ubiquitin-conjugating enzyme LOC55284'
2 non-polymer 'SODIUM ION'
3 water water
#
_entity_poly.entity_id   1
_entity_poly.type   'polypeptide(L)'
_entity_poly.pdbx_seq_one_letter_code
;MGSSHHHHHHSSGLVPRGSMASMQKRLQKELLALQNDPPPGMTLNEKSVQNSITQWIVDMEGAPGTLYEGEKFQLLFKFS
SRYPFDSPQVMFTGENIPVHPHVYSNGHICLSILTEDWSPALSVQSVCLSIISMLS
;
_entity_poly.pdbx_strand_id   A,B
#
# COMPACT_ATOMS: atom_id res chain seq x y z
N LEU A 14 -21.46 27.98 -9.47
CA LEU A 14 -22.88 27.48 -9.62
C LEU A 14 -23.04 26.21 -10.44
N VAL A 15 -23.85 25.30 -9.93
CA VAL A 15 -24.12 24.04 -10.62
C VAL A 15 -24.88 24.32 -11.90
N PRO A 16 -24.44 23.72 -13.04
CA PRO A 16 -25.19 23.90 -14.29
C PRO A 16 -26.65 23.51 -14.07
N ARG A 17 -27.58 24.35 -14.51
CA ARG A 17 -29.01 24.15 -14.27
C ARG A 17 -29.52 22.83 -14.80
N GLY A 18 -29.04 22.48 -16.00
CA GLY A 18 -29.40 21.25 -16.70
C GLY A 18 -29.07 20.01 -15.90
N SER A 19 -28.06 20.09 -15.04
CA SER A 19 -27.69 18.98 -14.18
C SER A 19 -28.78 18.67 -13.13
N MET A 20 -29.82 19.49 -13.08
CA MET A 20 -30.94 19.23 -12.18
C MET A 20 -32.21 18.76 -12.89
N ALA A 21 -32.17 18.76 -14.22
CA ALA A 21 -33.29 18.28 -15.02
C ALA A 21 -33.69 16.85 -14.64
N SER A 22 -32.74 15.92 -14.64
CA SER A 22 -33.07 14.52 -14.34
C SER A 22 -32.88 14.13 -12.86
N MET A 23 -33.05 15.10 -11.97
CA MET A 23 -32.76 14.84 -10.57
C MET A 23 -34.03 14.84 -9.71
N GLN A 24 -34.14 13.83 -8.85
CA GLN A 24 -35.22 13.68 -7.88
C GLN A 24 -35.39 14.96 -7.08
N LYS A 25 -36.63 15.37 -6.85
CA LYS A 25 -36.91 16.65 -6.18
C LYS A 25 -36.17 16.85 -4.86
N ARG A 26 -36.15 15.82 -4.00
CA ARG A 26 -35.34 15.93 -2.79
C ARG A 26 -33.88 16.13 -3.08
N LEU A 27 -33.29 15.45 -4.09
CA LEU A 27 -31.92 15.70 -4.28
C LEU A 27 -31.64 17.14 -4.74
N GLN A 28 -32.63 17.80 -5.36
CA GLN A 28 -32.47 19.16 -5.88
C GLN A 28 -32.37 20.14 -4.74
N LYS A 29 -33.25 19.95 -3.75
CA LYS A 29 -33.29 20.86 -2.59
C LYS A 29 -32.00 20.70 -1.80
N GLU A 30 -31.61 19.46 -1.53
CA GLU A 30 -30.39 19.19 -0.78
C GLU A 30 -29.11 19.70 -1.50
N LEU A 31 -29.07 19.55 -2.82
CA LEU A 31 -27.92 20.05 -3.60
C LEU A 31 -27.84 21.58 -3.53
N LEU A 32 -28.98 22.23 -3.75
CA LEU A 32 -29.05 23.69 -3.68
C LEU A 32 -28.71 24.22 -2.29
N ALA A 33 -29.14 23.50 -1.25
CA ALA A 33 -28.77 23.86 0.12
C ALA A 33 -27.26 23.81 0.34
N LEU A 34 -26.58 22.83 -0.25
CA LEU A 34 -25.11 22.80 -0.20
C LEU A 34 -24.45 23.92 -1.02
N GLN A 35 -25.05 24.25 -2.16
CA GLN A 35 -24.56 25.33 -3.00
C GLN A 35 -24.67 26.66 -2.26
N ASN A 36 -25.78 26.85 -1.56
CA ASN A 36 -26.14 28.18 -1.06
C ASN A 36 -25.86 28.42 0.41
N ASP A 37 -25.98 27.38 1.23
CA ASP A 37 -25.72 27.48 2.66
C ASP A 37 -25.05 26.20 3.19
N PRO A 38 -23.82 25.92 2.72
CA PRO A 38 -23.10 24.72 3.13
C PRO A 38 -22.67 24.76 4.60
N PRO A 39 -22.48 23.60 5.25
CA PRO A 39 -21.97 23.58 6.61
C PRO A 39 -20.52 24.07 6.70
N PRO A 40 -20.06 24.45 7.91
CA PRO A 40 -18.72 25.02 8.07
C PRO A 40 -17.63 24.15 7.44
N GLY A 41 -16.71 24.78 6.73
CA GLY A 41 -15.57 24.08 6.17
C GLY A 41 -15.87 23.32 4.89
N MET A 42 -17.10 23.39 4.40
CA MET A 42 -17.45 22.62 3.20
C MET A 42 -17.91 23.48 2.04
N THR A 43 -17.52 23.06 0.83
CA THR A 43 -17.95 23.73 -0.38
C THR A 43 -18.32 22.70 -1.44
N LEU A 44 -19.53 22.83 -1.99
CA LEU A 44 -19.94 21.99 -3.12
C LEU A 44 -18.98 22.15 -4.29
N ASN A 45 -18.53 21.02 -4.86
CA ASN A 45 -17.86 21.05 -6.15
C ASN A 45 -18.91 21.09 -7.25
N GLU A 46 -19.15 22.30 -7.77
CA GLU A 46 -20.27 22.53 -8.66
C GLU A 46 -20.11 21.85 -10.03
N LYS A 47 -18.90 21.37 -10.31
CA LYS A 47 -18.64 20.67 -11.57
C LYS A 47 -18.79 19.15 -11.43
N SER A 48 -19.11 18.70 -10.22
CA SER A 48 -19.09 17.27 -9.90
C SER A 48 -20.43 16.54 -10.05
N VAL A 49 -21.50 17.26 -10.36
CA VAL A 49 -22.83 16.64 -10.30
C VAL A 49 -23.06 15.71 -11.47
N GLN A 50 -23.46 14.49 -11.17
CA GLN A 50 -23.81 13.52 -12.20
C GLN A 50 -25.11 12.77 -11.84
N ASN A 51 -25.93 12.52 -12.86
CA ASN A 51 -27.17 11.77 -12.75
C ASN A 51 -27.15 10.52 -13.63
N SER A 52 -28.13 9.62 -13.41
CA SER A 52 -28.32 8.42 -14.28
C SER A 52 -27.08 7.55 -14.35
N ILE A 53 -26.39 7.43 -13.22
CA ILE A 53 -25.26 6.52 -13.14
C ILE A 53 -25.75 5.08 -12.95
N THR A 54 -25.14 4.16 -13.70
CA THR A 54 -25.33 2.71 -13.49
C THR A 54 -24.02 2.14 -12.92
N GLN A 55 -24.12 1.23 -11.96
CA GLN A 55 -22.93 0.57 -11.43
C GLN A 55 -23.19 -0.88 -11.06
N TRP A 56 -22.10 -1.62 -10.97
CA TRP A 56 -22.13 -2.99 -10.47
C TRP A 56 -20.75 -3.40 -10.04
N ILE A 57 -20.67 -4.56 -9.37
CA ILE A 57 -19.41 -5.06 -8.83
C ILE A 57 -19.07 -6.38 -9.51
N VAL A 58 -17.80 -6.51 -9.89
CA VAL A 58 -17.27 -7.76 -10.40
C VAL A 58 -16.27 -8.32 -9.41
N ASP A 59 -16.46 -9.57 -9.00
CA ASP A 59 -15.52 -10.23 -8.09
C ASP A 59 -14.39 -10.75 -8.95
N MET A 60 -13.16 -10.56 -8.48
CA MET A 60 -11.97 -10.90 -9.24
C MET A 60 -11.07 -11.75 -8.37
N GLU A 61 -10.65 -12.89 -8.89
CA GLU A 61 -9.65 -13.70 -8.20
C GLU A 61 -8.26 -13.53 -8.77
N GLY A 62 -7.29 -13.33 -7.89
CA GLY A 62 -5.89 -13.35 -8.27
C GLY A 62 -5.55 -14.68 -8.93
N ALA A 63 -4.80 -14.61 -10.03
CA ALA A 63 -4.49 -15.79 -10.85
C ALA A 63 -3.40 -16.69 -10.23
N PRO A 64 -3.54 -18.03 -10.38
CA PRO A 64 -2.51 -18.99 -9.96
C PRO A 64 -1.13 -18.64 -10.53
N GLY A 65 -0.09 -18.81 -9.73
CA GLY A 65 1.27 -18.55 -10.18
C GLY A 65 1.69 -17.10 -10.20
N THR A 66 0.78 -16.20 -9.79
CA THR A 66 1.12 -14.77 -9.69
C THR A 66 1.31 -14.41 -8.23
N LEU A 67 1.84 -13.21 -7.98
CA LEU A 67 1.92 -12.65 -6.62
C LEU A 67 0.57 -12.47 -5.94
N TYR A 68 -0.53 -12.58 -6.71
CA TYR A 68 -1.87 -12.38 -6.17
C TYR A 68 -2.69 -13.66 -6.05
N GLU A 69 -2.01 -14.80 -6.24
CA GLU A 69 -2.68 -16.10 -6.15
C GLU A 69 -3.46 -16.23 -4.84
N GLY A 70 -4.70 -16.71 -4.93
CA GLY A 70 -5.56 -16.87 -3.76
C GLY A 70 -6.24 -15.62 -3.23
N GLU A 71 -5.91 -14.45 -3.78
CA GLU A 71 -6.52 -13.19 -3.30
C GLU A 71 -7.89 -12.99 -3.92
N LYS A 72 -8.82 -12.44 -3.14
CA LYS A 72 -10.15 -12.09 -3.64
C LYS A 72 -10.29 -10.58 -3.66
N PHE A 73 -10.48 -10.03 -4.86
CA PHE A 73 -10.68 -8.59 -5.03
C PHE A 73 -12.09 -8.28 -5.52
N GLN A 74 -12.47 -7.01 -5.41
CA GLN A 74 -13.72 -6.53 -5.97
C GLN A 74 -13.48 -5.31 -6.83
N LEU A 75 -14.11 -5.32 -7.99
CA LEU A 75 -13.99 -4.24 -8.96
C LEU A 75 -15.35 -3.58 -9.07
N LEU A 76 -15.38 -2.27 -8.80
CA LEU A 76 -16.58 -1.49 -8.96
C LEU A 76 -16.53 -0.81 -10.33
N PHE A 77 -17.56 -1.05 -11.14
CA PHE A 77 -17.73 -0.41 -12.44
C PHE A 77 -18.81 0.65 -12.31
N LYS A 78 -18.51 1.87 -12.76
CA LYS A 78 -19.50 2.95 -12.68
C LYS A 78 -19.56 3.60 -14.05
N PHE A 79 -20.78 3.74 -14.57
CA PHE A 79 -21.04 4.22 -15.93
C PHE A 79 -21.85 5.50 -15.86
N SER A 80 -21.32 6.58 -16.42
CA SER A 80 -22.10 7.81 -16.46
C SER A 80 -23.16 7.75 -17.57
N SER A 81 -24.05 8.74 -17.55
CA SER A 81 -25.07 8.88 -18.57
C SER A 81 -24.43 9.13 -19.94
N ARG A 82 -23.14 9.46 -19.96
CA ARG A 82 -22.41 9.72 -21.21
C ARG A 82 -21.60 8.53 -21.72
N TYR A 83 -21.63 7.41 -20.98
CA TYR A 83 -21.03 6.14 -21.45
C TYR A 83 -21.77 5.66 -22.70
N PRO A 84 -21.07 5.08 -23.70
CA PRO A 84 -19.65 4.74 -23.79
C PRO A 84 -18.73 5.83 -24.37
N PHE A 85 -19.25 6.99 -24.76
CA PHE A 85 -18.33 8.03 -25.22
C PHE A 85 -17.40 8.43 -24.05
N ASP A 86 -18.00 8.66 -22.88
CA ASP A 86 -17.27 8.87 -21.62
C ASP A 86 -16.77 7.52 -21.07
N SER A 87 -15.49 7.46 -20.69
CA SER A 87 -14.92 6.26 -20.10
C SER A 87 -15.66 5.83 -18.83
N PRO A 88 -15.73 4.52 -18.57
CA PRO A 88 -16.30 4.07 -17.29
C PRO A 88 -15.31 4.37 -16.17
N GLN A 89 -15.82 4.54 -14.97
CA GLN A 89 -14.97 4.69 -13.81
C GLN A 89 -14.86 3.29 -13.20
N VAL A 90 -13.64 2.75 -13.17
CA VAL A 90 -13.42 1.40 -12.63
C VAL A 90 -12.36 1.49 -11.54
N MET A 91 -12.64 0.88 -10.39
CA MET A 91 -11.72 0.88 -9.29
C MET A 91 -11.91 -0.34 -8.44
N PHE A 92 -10.86 -0.72 -7.73
CA PHE A 92 -10.95 -1.80 -6.77
C PHE A 92 -11.64 -1.25 -5.54
N THR A 93 -12.46 -2.06 -4.93
CA THR A 93 -13.22 -1.59 -3.78
C THR A 93 -13.14 -2.59 -2.61
N GLY A 94 -13.64 -2.18 -1.46
CA GLY A 94 -13.78 -3.07 -0.32
C GLY A 94 -12.52 -3.16 0.51
N GLU A 95 -12.47 -4.18 1.36
CA GLU A 95 -11.44 -4.32 2.38
C GLU A 95 -10.11 -4.87 1.85
N ASN A 96 -10.14 -5.57 0.71
CA ASN A 96 -8.92 -6.10 0.11
C ASN A 96 -8.59 -5.48 -1.24
N ILE A 97 -7.68 -4.51 -1.23
CA ILE A 97 -7.30 -3.82 -2.46
C ILE A 97 -5.90 -4.30 -2.88
N PRO A 98 -5.74 -4.66 -4.18
CA PRO A 98 -4.44 -5.19 -4.64
C PRO A 98 -3.28 -4.26 -4.34
N VAL A 99 -2.16 -4.86 -3.95
CA VAL A 99 -0.90 -4.13 -3.77
C VAL A 99 -0.15 -4.16 -5.10
N HIS A 100 -0.14 -3.03 -5.79
CA HIS A 100 0.48 -2.92 -7.10
C HIS A 100 0.76 -1.45 -7.38
N PRO A 101 1.92 -1.12 -7.97
CA PRO A 101 2.27 0.25 -8.34
C PRO A 101 1.17 1.03 -9.07
N HIS A 102 0.39 0.34 -9.91
CA HIS A 102 -0.67 1.00 -10.68
C HIS A 102 -2.02 1.04 -9.99
N VAL A 103 -2.08 0.57 -8.75
CA VAL A 103 -3.29 0.68 -7.96
C VAL A 103 -2.98 1.50 -6.71
N TYR A 104 -3.73 2.58 -6.50
CA TYR A 104 -3.60 3.40 -5.30
C TYR A 104 -4.31 2.77 -4.10
N SER A 105 -3.99 3.24 -2.90
CA SER A 105 -4.59 2.72 -1.67
C SER A 105 -6.10 2.94 -1.66
N ASN A 106 -6.54 3.99 -2.35
CA ASN A 106 -7.96 4.29 -2.48
C ASN A 106 -8.70 3.40 -3.50
N GLY A 107 -7.95 2.53 -4.19
CA GLY A 107 -8.52 1.61 -5.16
C GLY A 107 -8.44 2.08 -6.60
N HIS A 108 -8.00 3.33 -6.79
CA HIS A 108 -7.89 3.93 -8.12
C HIS A 108 -6.94 3.14 -8.98
N ILE A 109 -7.30 2.95 -10.24
CA ILE A 109 -6.49 2.18 -11.16
C ILE A 109 -5.81 3.09 -12.20
N CYS A 110 -4.49 3.00 -12.29
CA CYS A 110 -3.71 3.74 -13.30
C CYS A 110 -3.45 2.88 -14.52
N LEU A 111 -4.41 2.87 -15.44
CA LEU A 111 -4.24 2.22 -16.73
C LEU A 111 -4.75 3.21 -17.77
N SER A 112 -4.02 3.33 -18.87
CA SER A 112 -4.35 4.33 -19.88
C SER A 112 -5.70 4.08 -20.57
N ILE A 113 -6.07 2.81 -20.72
CA ILE A 113 -7.40 2.42 -21.27
C ILE A 113 -8.57 3.12 -20.54
N LEU A 114 -8.34 3.47 -19.27
CA LEU A 114 -9.36 4.10 -18.45
C LEU A 114 -9.35 5.63 -18.60
N THR A 115 -8.28 6.16 -19.19
CA THR A 115 -8.15 7.61 -19.34
C THR A 115 -7.89 8.03 -20.78
N GLU A 116 -6.61 8.26 -21.10
CA GLU A 116 -6.20 8.81 -22.39
C GLU A 116 -6.62 7.94 -23.57
N ASP A 117 -6.57 6.62 -23.38
CA ASP A 117 -6.78 5.70 -24.50
C ASP A 117 -8.18 5.07 -24.55
N TRP A 118 -9.09 5.57 -23.71
CA TRP A 118 -10.47 5.12 -23.78
C TRP A 118 -11.06 5.51 -25.13
N SER A 119 -11.93 4.63 -25.63
CA SER A 119 -12.75 4.91 -26.80
C SER A 119 -14.00 4.02 -26.72
N PRO A 120 -15.14 4.49 -27.25
CA PRO A 120 -16.37 3.66 -27.22
C PRO A 120 -16.23 2.40 -28.08
N ALA A 121 -15.11 2.28 -28.78
CA ALA A 121 -14.76 1.06 -29.51
C ALA A 121 -14.35 0.00 -28.51
N LEU A 122 -13.86 0.42 -27.34
CA LEU A 122 -13.44 -0.51 -26.29
C LEU A 122 -14.67 -0.93 -25.47
N SER A 123 -14.46 -1.79 -24.47
CA SER A 123 -15.58 -2.39 -23.78
C SER A 123 -15.25 -2.74 -22.33
N VAL A 124 -16.29 -3.04 -21.55
CA VAL A 124 -16.07 -3.61 -20.21
C VAL A 124 -15.13 -4.85 -20.26
N GLN A 125 -15.35 -5.74 -21.22
CA GLN A 125 -14.49 -6.93 -21.38
C GLN A 125 -13.04 -6.54 -21.56
N SER A 126 -12.77 -5.56 -22.42
CA SER A 126 -11.37 -5.19 -22.66
C SER A 126 -10.72 -4.53 -21.43
N VAL A 127 -11.52 -3.78 -20.68
CA VAL A 127 -11.03 -3.24 -19.41
C VAL A 127 -10.67 -4.38 -18.45
N CYS A 128 -11.55 -5.38 -18.31
CA CYS A 128 -11.27 -6.55 -17.49
C CYS A 128 -9.95 -7.23 -17.87
N LEU A 129 -9.76 -7.44 -19.17
CA LEU A 129 -8.53 -8.04 -19.69
C LEU A 129 -7.27 -7.25 -19.35
N SER A 130 -7.35 -5.92 -19.45
CA SER A 130 -6.23 -5.04 -19.08
C SER A 130 -5.90 -5.14 -17.60
N ILE A 131 -6.94 -5.23 -16.77
CA ILE A 131 -6.75 -5.35 -15.34
C ILE A 131 -6.16 -6.71 -14.96
N ILE A 132 -6.73 -7.79 -15.52
CA ILE A 132 -6.12 -9.12 -15.42
C ILE A 132 -4.62 -9.09 -15.80
N SER A 133 -4.32 -8.39 -16.90
CA SER A 133 -2.97 -8.29 -17.40
C SER A 133 -2.06 -7.56 -16.42
N MET A 134 -2.58 -6.49 -15.83
CA MET A 134 -1.85 -5.71 -14.86
C MET A 134 -1.42 -6.54 -13.67
N LEU A 135 -2.29 -7.42 -13.16
CA LEU A 135 -1.92 -8.31 -12.07
C LEU A 135 -1.23 -9.58 -12.57
N SER A 136 -0.94 -9.59 -13.88
CA SER A 136 -0.09 -10.56 -14.61
C SER A 136 -0.81 -11.25 -15.75
N LEU B 14 10.17 -12.38 32.80
CA LEU B 14 11.37 -11.57 33.20
C LEU B 14 12.45 -11.56 32.13
N VAL B 15 13.13 -10.41 31.98
CA VAL B 15 14.21 -10.31 30.99
C VAL B 15 15.38 -11.17 31.45
N PRO B 16 15.93 -12.00 30.55
CA PRO B 16 17.12 -12.77 30.95
C PRO B 16 18.22 -11.84 31.48
N ARG B 17 18.81 -12.21 32.62
CA ARG B 17 19.81 -11.39 33.30
C ARG B 17 20.92 -11.01 32.39
N GLY B 18 21.37 -11.99 31.61
CA GLY B 18 22.51 -11.86 30.71
C GLY B 18 22.33 -10.79 29.66
N SER B 19 21.07 -10.54 29.30
CA SER B 19 20.80 -9.50 28.32
C SER B 19 21.03 -8.10 28.89
N MET B 20 21.47 -8.01 30.16
CA MET B 20 21.83 -6.72 30.74
C MET B 20 23.34 -6.58 30.99
N ALA B 21 24.10 -7.65 30.74
CA ALA B 21 25.54 -7.66 31.01
C ALA B 21 26.31 -6.51 30.33
N SER B 22 26.06 -6.30 29.04
CA SER B 22 26.81 -5.28 28.31
C SER B 22 26.16 -3.90 28.45
N MET B 23 24.85 -3.90 28.74
CA MET B 23 23.99 -2.72 28.67
C MET B 23 24.42 -1.53 29.55
N GLN B 24 24.31 -0.33 28.97
CA GLN B 24 24.51 0.95 29.68
C GLN B 24 23.66 1.07 30.96
N LYS B 25 24.25 1.56 32.04
CA LYS B 25 23.58 1.62 33.37
C LYS B 25 22.23 2.30 33.36
N ARG B 26 22.13 3.49 32.75
CA ARG B 26 20.85 4.24 32.78
C ARG B 26 19.73 3.39 32.20
N LEU B 27 20.04 2.68 31.14
CA LEU B 27 19.06 1.85 30.49
C LEU B 27 18.79 0.52 31.13
N GLN B 28 19.80 -0.13 31.74
CA GLN B 28 19.51 -1.26 32.64
C GLN B 28 18.41 -0.78 33.57
N LYS B 29 18.64 0.41 34.10
CA LYS B 29 17.69 1.00 35.05
C LYS B 29 16.29 1.28 34.50
N GLU B 30 16.21 1.90 33.31
CA GLU B 30 14.92 2.20 32.68
C GLU B 30 14.26 0.89 32.18
N LEU B 31 15.07 -0.08 31.77
CA LEU B 31 14.54 -1.40 31.38
C LEU B 31 13.83 -2.09 32.56
N LEU B 32 14.52 -2.13 33.70
CA LEU B 32 14.00 -2.76 34.91
C LEU B 32 12.73 -2.05 35.40
N ALA B 33 12.72 -0.72 35.27
CA ALA B 33 11.50 0.06 35.54
C ALA B 33 10.32 -0.29 34.63
N LEU B 34 10.57 -0.59 33.36
CA LEU B 34 9.50 -1.09 32.47
C LEU B 34 9.06 -2.50 32.86
N GLN B 35 10.00 -3.32 33.34
CA GLN B 35 9.73 -4.70 33.75
C GLN B 35 8.84 -4.68 35.00
N ASN B 36 9.19 -3.82 35.93
CA ASN B 36 8.64 -3.90 37.29
C ASN B 36 7.46 -2.96 37.55
N ASP B 37 7.47 -1.81 36.89
CA ASP B 37 6.46 -0.77 37.14
C ASP B 37 6.09 -0.04 35.83
N PRO B 38 5.58 -0.78 34.83
CA PRO B 38 5.30 -0.14 33.53
C PRO B 38 4.16 0.87 33.64
N PRO B 39 4.06 1.81 32.66
CA PRO B 39 2.92 2.73 32.55
C PRO B 39 1.62 2.01 32.20
N PRO B 40 0.45 2.65 32.43
CA PRO B 40 -0.87 2.03 32.14
C PRO B 40 -0.98 1.50 30.72
N GLY B 41 -1.42 0.27 30.57
CA GLY B 41 -1.60 -0.33 29.26
C GLY B 41 -0.34 -0.83 28.58
N MET B 42 0.80 -0.76 29.27
CA MET B 42 2.05 -1.22 28.67
C MET B 42 2.72 -2.37 29.42
N THR B 43 3.30 -3.29 28.66
CA THR B 43 4.00 -4.42 29.23
C THR B 43 5.25 -4.64 28.37
N LEU B 44 6.41 -4.65 29.02
CA LEU B 44 7.66 -5.02 28.35
C LEU B 44 7.55 -6.41 27.70
N ASN B 45 8.03 -6.52 26.46
CA ASN B 45 8.28 -7.82 25.86
C ASN B 45 9.67 -8.28 26.32
N GLU B 46 9.68 -9.16 27.32
CA GLU B 46 10.91 -9.53 28.00
C GLU B 46 11.86 -10.36 27.12
N LYS B 47 11.36 -10.84 25.99
CA LYS B 47 12.18 -11.62 25.06
C LYS B 47 12.80 -10.78 23.96
N SER B 48 12.53 -9.48 23.99
CA SER B 48 12.86 -8.59 22.88
C SER B 48 14.14 -7.77 23.07
N VAL B 49 14.83 -7.96 24.19
CA VAL B 49 15.96 -7.10 24.50
C VAL B 49 17.17 -7.51 23.68
N GLN B 50 17.77 -6.54 23.02
CA GLN B 50 18.94 -6.79 22.19
C GLN B 50 19.97 -5.69 22.39
N ASN B 51 21.24 -6.07 22.48
CA ASN B 51 22.32 -5.13 22.64
C ASN B 51 23.30 -5.22 21.47
N SER B 52 24.17 -4.22 21.37
CA SER B 52 25.30 -4.25 20.43
C SER B 52 24.85 -4.43 18.98
N ILE B 53 23.76 -3.74 18.63
CA ILE B 53 23.26 -3.73 17.26
C ILE B 53 24.04 -2.70 16.44
N THR B 54 24.34 -3.08 15.20
CA THR B 54 24.92 -2.17 14.21
C THR B 54 23.86 -1.95 13.13
N GLN B 55 23.81 -0.74 12.58
CA GLN B 55 22.86 -0.46 11.52
C GLN B 55 23.40 0.58 10.55
N TRP B 56 22.82 0.57 9.37
CA TRP B 56 23.13 1.61 8.40
C TRP B 56 22.06 1.63 7.33
N ILE B 57 22.08 2.66 6.49
CA ILE B 57 21.07 2.82 5.45
C ILE B 57 21.72 2.76 4.06
N VAL B 58 21.07 2.02 3.17
CA VAL B 58 21.45 1.99 1.76
C VAL B 58 20.35 2.68 0.94
N ASP B 59 20.72 3.70 0.17
CA ASP B 59 19.76 4.33 -0.73
C ASP B 59 19.63 3.46 -1.98
N MET B 60 18.39 3.24 -2.42
CA MET B 60 18.10 2.37 -3.55
C MET B 60 17.27 3.12 -4.58
N GLU B 61 17.72 3.07 -5.83
CA GLU B 61 16.95 3.62 -6.94
C GLU B 61 16.20 2.52 -7.67
N GLY B 62 14.91 2.76 -7.91
CA GLY B 62 14.13 1.89 -8.80
C GLY B 62 14.77 1.82 -10.17
N ALA B 63 14.81 0.63 -10.77
CA ALA B 63 15.51 0.40 -12.03
C ALA B 63 14.74 0.92 -13.26
N PRO B 64 15.48 1.46 -14.26
CA PRO B 64 14.87 1.86 -15.54
C PRO B 64 14.12 0.70 -16.17
N GLY B 65 12.95 0.97 -16.74
CA GLY B 65 12.15 -0.06 -17.38
C GLY B 65 11.39 -0.96 -16.43
N THR B 66 11.32 -0.59 -15.14
CA THR B 66 10.47 -1.30 -14.19
C THR B 66 9.36 -0.37 -13.74
N LEU B 67 8.38 -0.92 -13.03
CA LEU B 67 7.35 -0.12 -12.36
C LEU B 67 7.89 0.82 -11.27
N TYR B 68 9.19 0.71 -10.97
CA TYR B 68 9.80 1.51 -9.91
C TYR B 68 10.79 2.55 -10.43
N GLU B 69 10.87 2.66 -11.76
CA GLU B 69 11.77 3.61 -12.42
C GLU B 69 11.57 5.03 -11.87
N GLY B 70 12.67 5.68 -11.52
CA GLY B 70 12.61 7.02 -10.96
C GLY B 70 12.18 7.13 -9.49
N GLU B 71 11.96 5.99 -8.82
CA GLU B 71 11.64 5.99 -7.38
C GLU B 71 12.93 5.96 -6.55
N LYS B 72 12.92 6.68 -5.43
CA LYS B 72 14.05 6.65 -4.52
C LYS B 72 13.62 6.01 -3.21
N PHE B 73 14.25 4.88 -2.89
CA PHE B 73 13.94 4.14 -1.66
C PHE B 73 15.11 4.16 -0.67
N GLN B 74 14.82 3.75 0.56
CA GLN B 74 15.83 3.60 1.59
C GLN B 74 15.70 2.23 2.25
N LEU B 75 16.83 1.53 2.33
CA LEU B 75 16.90 0.24 3.02
C LEU B 75 17.65 0.42 4.32
N LEU B 76 17.02 0.02 5.42
CA LEU B 76 17.68 -0.01 6.72
C LEU B 76 18.19 -1.43 6.95
N PHE B 77 19.49 -1.57 7.19
CA PHE B 77 20.10 -2.85 7.56
C PHE B 77 20.38 -2.82 9.06
N LYS B 78 19.97 -3.87 9.76
CA LYS B 78 20.22 -3.95 11.19
C LYS B 78 20.82 -5.32 11.49
N PHE B 79 21.95 -5.32 12.20
CA PHE B 79 22.70 -6.52 12.51
C PHE B 79 22.75 -6.74 14.02
N SER B 80 22.21 -7.86 14.47
CA SER B 80 22.23 -8.18 15.90
C SER B 80 23.63 -8.61 16.33
N SER B 81 23.87 -8.75 17.63
CA SER B 81 25.19 -9.21 18.07
C SER B 81 25.47 -10.64 17.60
N ARG B 82 24.42 -11.35 17.15
CA ARG B 82 24.59 -12.74 16.66
C ARG B 82 24.74 -12.90 15.16
N TYR B 83 24.70 -11.79 14.42
CA TYR B 83 25.02 -11.80 12.99
C TYR B 83 26.48 -12.26 12.82
N PRO B 84 26.81 -13.07 11.79
CA PRO B 84 26.04 -13.58 10.64
C PRO B 84 25.25 -14.88 10.83
N PHE B 85 25.43 -15.56 11.97
CA PHE B 85 24.61 -16.74 12.21
C PHE B 85 23.11 -16.36 12.22
N ASP B 86 22.80 -15.32 12.99
CA ASP B 86 21.48 -14.68 12.98
C ASP B 86 21.29 -13.80 11.72
N SER B 87 20.17 -13.97 11.03
CA SER B 87 19.85 -13.17 9.83
C SER B 87 19.83 -11.66 10.11
N PRO B 88 20.22 -10.84 9.12
CA PRO B 88 20.09 -9.40 9.33
C PRO B 88 18.62 -9.02 9.22
N GLN B 89 18.22 -7.95 9.90
CA GLN B 89 16.88 -7.41 9.75
C GLN B 89 16.98 -6.33 8.69
N VAL B 90 16.29 -6.52 7.56
CA VAL B 90 16.34 -5.56 6.46
C VAL B 90 14.93 -5.11 6.11
N MET B 91 14.75 -3.81 6.01
CA MET B 91 13.45 -3.25 5.70
C MET B 91 13.57 -1.94 4.98
N PHE B 92 12.54 -1.63 4.19
CA PHE B 92 12.42 -0.30 3.59
C PHE B 92 11.97 0.68 4.66
N THR B 93 12.54 1.87 4.61
CA THR B 93 12.33 2.86 5.65
C THR B 93 12.03 4.21 5.01
N GLY B 94 11.58 5.17 5.83
CA GLY B 94 11.39 6.55 5.37
C GLY B 94 10.01 6.74 4.78
N GLU B 95 9.78 7.88 4.13
CA GLU B 95 8.42 8.19 3.65
C GLU B 95 8.06 7.62 2.28
N ASN B 96 9.04 7.05 1.58
CA ASN B 96 8.76 6.38 0.31
C ASN B 96 9.05 4.87 0.34
N ILE B 97 8.02 4.09 0.58
CA ILE B 97 8.13 2.64 0.68
C ILE B 97 7.55 2.00 -0.59
N PRO B 98 8.31 1.06 -1.20
CA PRO B 98 7.87 0.43 -2.44
C PRO B 98 6.48 -0.21 -2.32
N VAL B 99 5.69 -0.02 -3.36
CA VAL B 99 4.40 -0.70 -3.49
C VAL B 99 4.64 -2.03 -4.20
N HIS B 100 4.60 -3.11 -3.41
CA HIS B 100 4.87 -4.45 -3.91
C HIS B 100 4.31 -5.47 -2.92
N PRO B 101 3.65 -6.54 -3.44
CA PRO B 101 3.04 -7.59 -2.61
C PRO B 101 3.96 -8.15 -1.52
N HIS B 102 5.27 -8.21 -1.79
CA HIS B 102 6.22 -8.72 -0.80
C HIS B 102 6.82 -7.66 0.10
N VAL B 103 6.31 -6.43 -0.01
CA VAL B 103 6.66 -5.36 0.92
C VAL B 103 5.42 -4.90 1.66
N TYR B 104 5.47 -4.93 2.99
CA TYR B 104 4.37 -4.43 3.81
C TYR B 104 4.45 -2.92 4.00
N SER B 105 3.31 -2.32 4.34
CA SER B 105 3.20 -0.87 4.53
C SER B 105 4.17 -0.33 5.57
N ASN B 106 4.59 -1.22 6.48
CA ASN B 106 5.56 -0.86 7.51
C ASN B 106 7.02 -0.97 7.04
N GLY B 107 7.21 -1.45 5.81
CA GLY B 107 8.56 -1.58 5.21
C GLY B 107 9.14 -2.97 5.31
N HIS B 108 8.45 -3.85 6.04
CA HIS B 108 8.83 -5.25 6.18
C HIS B 108 8.91 -5.91 4.81
N ILE B 109 9.97 -6.67 4.60
CA ILE B 109 10.22 -7.37 3.35
C ILE B 109 10.01 -8.89 3.53
N CYS B 110 9.15 -9.47 2.68
CA CYS B 110 8.89 -10.92 2.67
C CYS B 110 9.75 -11.57 1.60
N LEU B 111 10.99 -11.90 1.98
CA LEU B 111 11.87 -12.67 1.14
C LEU B 111 12.43 -13.79 1.99
N SER B 112 12.50 -14.99 1.41
CA SER B 112 12.96 -16.19 2.09
C SER B 112 14.40 -16.05 2.63
N ILE B 113 15.26 -15.40 1.85
CA ILE B 113 16.67 -15.19 2.21
C ILE B 113 16.80 -14.48 3.57
N LEU B 114 15.77 -13.74 3.95
CA LEU B 114 15.79 -12.99 5.20
C LEU B 114 15.30 -13.81 6.39
N THR B 115 14.59 -14.90 6.09
CA THR B 115 13.97 -15.74 7.14
C THR B 115 14.48 -17.17 7.04
N GLU B 116 13.66 -18.01 6.40
CA GLU B 116 13.85 -19.45 6.35
C GLU B 116 15.16 -19.87 5.70
N ASP B 117 15.57 -19.14 4.67
CA ASP B 117 16.74 -19.50 3.88
C ASP B 117 18.01 -18.72 4.24
N TRP B 118 17.99 -17.95 5.33
CA TRP B 118 19.21 -17.26 5.74
C TRP B 118 20.29 -18.28 6.10
N SER B 119 21.54 -17.93 5.80
CA SER B 119 22.69 -18.68 6.24
C SER B 119 23.88 -17.73 6.27
N PRO B 120 24.85 -17.95 7.20
CA PRO B 120 26.03 -17.07 7.26
C PRO B 120 26.93 -17.21 6.03
N ALA B 121 26.63 -18.18 5.17
CA ALA B 121 27.28 -18.29 3.87
C ALA B 121 26.72 -17.22 2.94
N LEU B 122 25.58 -16.63 3.27
CA LEU B 122 25.04 -15.54 2.46
C LEU B 122 25.61 -14.21 2.98
N SER B 123 25.21 -13.09 2.40
CA SER B 123 25.89 -11.82 2.66
C SER B 123 24.94 -10.65 2.42
N VAL B 124 25.32 -9.48 2.94
CA VAL B 124 24.60 -8.24 2.61
C VAL B 124 24.44 -8.06 1.08
N GLN B 125 25.52 -8.29 0.35
CA GLN B 125 25.48 -8.20 -1.13
C GLN B 125 24.39 -9.10 -1.70
N SER B 126 24.30 -10.33 -1.21
CA SER B 126 23.31 -11.25 -1.76
C SER B 126 21.86 -10.83 -1.40
N VAL B 127 21.67 -10.26 -0.22
CA VAL B 127 20.36 -9.69 0.14
C VAL B 127 20.01 -8.53 -0.79
N CYS B 128 20.95 -7.61 -1.02
CA CYS B 128 20.72 -6.52 -1.97
C CYS B 128 20.29 -7.03 -3.34
N LEU B 129 20.97 -8.07 -3.82
CA LEU B 129 20.64 -8.65 -5.12
C LEU B 129 19.23 -9.22 -5.15
N SER B 130 18.82 -9.87 -4.05
CA SER B 130 17.47 -10.44 -3.92
C SER B 130 16.39 -9.35 -3.94
N ILE B 131 16.69 -8.23 -3.28
CA ILE B 131 15.76 -7.12 -3.22
C ILE B 131 15.65 -6.41 -4.58
N ILE B 132 16.79 -6.14 -5.21
CA ILE B 132 16.82 -5.68 -6.62
C ILE B 132 15.96 -6.59 -7.53
N SER B 133 16.11 -7.90 -7.36
CA SER B 133 15.35 -8.87 -8.12
C SER B 133 13.84 -8.75 -7.88
N MET B 134 13.46 -8.63 -6.61
CA MET B 134 12.07 -8.46 -6.22
C MET B 134 11.42 -7.26 -6.92
N LEU B 135 12.16 -6.16 -7.03
CA LEU B 135 11.63 -4.97 -7.70
C LEU B 135 11.88 -5.01 -9.23
N SER B 136 12.45 -6.13 -9.66
CA SER B 136 12.53 -6.61 -11.05
C SER B 136 13.92 -6.99 -11.49
#